data_5JBN
#
_entry.id   5JBN
#
_cell.length_a   136.176
_cell.length_b   136.176
_cell.length_c   136.176
_cell.angle_alpha   90.00
_cell.angle_beta   90.00
_cell.angle_gamma   90.00
#
_symmetry.space_group_name_H-M   'I 2 3'
#
loop_
_entity.id
_entity.type
_entity.pdbx_description
1 polymer 'Phosphopantetheine adenylyltransferase'
2 non-polymer 'SULFATE ION'
3 non-polymer 'DIMETHYL SULFOXIDE'
4 water water
#
_entity_poly.entity_id   1
_entity_poly.type   'polypeptide(L)'
_entity_poly.pdbx_seq_one_letter_code
;MDPMQKRAIYPGTFDPITNGHIDIVTRATQMFDHVILAIAASPSKKPMFTLEERVALAQQATAHLGNVEVVGFSDLMANF
ARNQHATVLIRGLRAVADFEYEMQLAHMNRHLMPELESVFLMPSKEWSFISSSLVKEVARHQGDVTHFLPENVHQALMAK
LAVDHHHHHH
;
_entity_poly.pdbx_strand_id   A,B
#
# COMPACT_ATOMS: atom_id res chain seq x y z
N GLN A 5 8.91 5.31 16.65
CA GLN A 5 7.95 6.13 15.94
C GLN A 5 6.75 5.32 15.47
N LYS A 6 6.65 5.05 14.16
CA LYS A 6 5.49 4.36 13.62
C LYS A 6 5.52 2.88 14.00
N ARG A 7 4.41 2.40 14.57
CA ARG A 7 4.23 0.98 14.85
C ARG A 7 3.26 0.42 13.82
N ALA A 8 3.73 -0.57 13.06
CA ALA A 8 2.93 -1.18 12.02
C ALA A 8 2.58 -2.61 12.43
N ILE A 9 1.39 -3.04 12.06
CA ILE A 9 0.97 -4.41 12.27
C ILE A 9 0.78 -5.07 10.91
N TYR A 10 1.26 -6.30 10.77
CA TYR A 10 1.14 -7.08 9.53
C TYR A 10 0.42 -8.35 9.94
N PRO A 11 -0.91 -8.37 9.86
CA PRO A 11 -1.68 -9.51 10.40
C PRO A 11 -2.10 -10.51 9.34
N GLY A 12 -2.32 -11.74 9.77
CA GLY A 12 -2.81 -12.78 8.89
C GLY A 12 -2.82 -14.11 9.62
N THR A 13 -3.20 -15.15 8.90
CA THR A 13 -3.18 -16.48 9.50
C THR A 13 -1.82 -17.14 9.43
N PHE A 14 -0.97 -16.78 8.47
CA PHE A 14 0.40 -17.27 8.34
C PHE A 14 0.48 -18.78 8.59
N ASP A 15 -0.24 -19.53 7.75
CA ASP A 15 -0.44 -20.95 7.97
C ASP A 15 0.00 -21.78 6.78
N PRO A 16 1.33 -21.95 6.58
CA PRO A 16 2.44 -21.35 7.32
C PRO A 16 2.92 -20.08 6.63
N ILE A 17 3.86 -19.39 7.27
CA ILE A 17 4.52 -18.26 6.63
C ILE A 17 5.24 -18.73 5.38
N THR A 18 5.13 -17.95 4.29
CA THR A 18 5.72 -18.28 3.01
C THR A 18 6.75 -17.22 2.62
N ASN A 19 7.46 -17.50 1.53
CA ASN A 19 8.43 -16.53 1.03
C ASN A 19 7.78 -15.22 0.62
N GLY A 20 6.54 -15.27 0.13
CA GLY A 20 5.85 -14.03 -0.19
C GLY A 20 5.61 -13.17 1.03
N HIS A 21 5.23 -13.79 2.15
CA HIS A 21 5.04 -13.05 3.39
C HIS A 21 6.36 -12.49 3.90
N ILE A 22 7.43 -13.29 3.79
N ILE A 22 7.45 -13.25 3.78
CA ILE A 22 8.76 -12.80 4.16
CA ILE A 22 8.73 -12.71 4.21
C ILE A 22 9.12 -11.57 3.35
C ILE A 22 9.12 -11.51 3.38
N ASP A 23 8.87 -11.62 2.05
N ASP A 23 8.80 -11.54 2.08
CA ASP A 23 9.08 -10.47 1.18
CA ASP A 23 9.12 -10.42 1.21
C ASP A 23 8.35 -9.24 1.72
C ASP A 23 8.31 -9.18 1.60
N ILE A 24 7.05 -9.37 2.00
CA ILE A 24 6.25 -8.22 2.42
C ILE A 24 6.72 -7.67 3.75
N VAL A 25 7.00 -8.56 4.71
CA VAL A 25 7.41 -8.04 6.02
C VAL A 25 8.78 -7.38 5.93
N THR A 26 9.64 -7.87 5.04
CA THR A 26 10.94 -7.23 4.83
C THR A 26 10.77 -5.83 4.28
N ARG A 27 9.90 -5.65 3.29
CA ARG A 27 9.62 -4.31 2.78
C ARG A 27 9.04 -3.42 3.86
N ALA A 28 8.18 -3.97 4.72
CA ALA A 28 7.55 -3.17 5.75
C ALA A 28 8.58 -2.66 6.77
N THR A 29 9.55 -3.51 7.14
CA THR A 29 10.55 -3.08 8.10
C THR A 29 11.50 -2.03 7.52
N GLN A 30 11.64 -1.99 6.19
CA GLN A 30 12.46 -0.96 5.59
C GLN A 30 11.74 0.39 5.62
N MET A 31 10.43 0.37 5.78
N MET A 31 10.42 0.38 5.71
CA MET A 31 9.59 1.56 5.71
CA MET A 31 9.68 1.63 5.77
C MET A 31 9.16 2.08 7.07
C MET A 31 9.46 2.10 7.21
N PHE A 32 8.97 1.21 8.06
CA PHE A 32 8.43 1.58 9.35
C PHE A 32 9.34 1.09 10.47
N ASP A 33 9.33 1.82 11.59
CA ASP A 33 10.32 1.60 12.64
C ASP A 33 10.14 0.25 13.32
N HIS A 34 8.90 -0.14 13.60
CA HIS A 34 8.64 -1.40 14.29
C HIS A 34 7.46 -2.08 13.61
N VAL A 35 7.61 -3.37 13.32
CA VAL A 35 6.57 -4.15 12.66
C VAL A 35 6.21 -5.33 13.54
N ILE A 36 4.93 -5.43 13.89
CA ILE A 36 4.39 -6.61 14.57
C ILE A 36 3.82 -7.54 13.51
N LEU A 37 4.43 -8.71 13.33
CA LEU A 37 3.85 -9.75 12.50
C LEU A 37 2.88 -10.51 13.38
N ALA A 38 1.59 -10.34 13.13
CA ALA A 38 0.55 -10.75 14.06
C ALA A 38 -0.22 -11.91 13.46
N ILE A 39 -0.25 -13.03 14.17
CA ILE A 39 -0.81 -14.28 13.66
C ILE A 39 -2.15 -14.52 14.33
N ALA A 40 -3.22 -14.49 13.53
CA ALA A 40 -4.56 -14.75 14.03
C ALA A 40 -4.76 -16.25 14.25
N ALA A 41 -5.35 -16.61 15.39
CA ALA A 41 -5.61 -18.01 15.70
C ALA A 41 -6.44 -18.67 14.61
N SER A 42 -7.55 -18.04 14.22
CA SER A 42 -8.40 -18.48 13.11
C SER A 42 -8.86 -19.93 13.22
N PRO A 43 -9.46 -20.34 14.34
CA PRO A 43 -9.87 -21.76 14.44
C PRO A 43 -10.91 -22.17 13.40
N SER A 44 -11.72 -21.22 12.90
CA SER A 44 -12.75 -21.57 11.93
C SER A 44 -12.16 -22.10 10.64
N LYS A 45 -10.95 -21.67 10.28
CA LYS A 45 -10.30 -22.16 9.08
C LYS A 45 -9.67 -23.53 9.27
N LYS A 46 -9.66 -24.06 10.50
CA LYS A 46 -8.98 -25.32 10.83
C LYS A 46 -7.56 -25.29 10.28
N PRO A 47 -6.69 -24.45 10.84
CA PRO A 47 -5.35 -24.27 10.25
C PRO A 47 -4.56 -25.57 10.29
N MET A 48 -3.68 -25.72 9.31
CA MET A 48 -2.81 -26.89 9.27
C MET A 48 -1.86 -26.92 10.47
N PHE A 49 -1.33 -25.75 10.85
CA PHE A 49 -0.41 -25.63 11.96
C PHE A 49 -1.10 -24.93 13.13
N THR A 50 -0.80 -25.39 14.33
CA THR A 50 -1.32 -24.72 15.52
C THR A 50 -0.75 -23.31 15.59
N LEU A 51 -1.39 -22.48 16.42
CA LEU A 51 -0.89 -21.12 16.60
C LEU A 51 0.54 -21.12 17.13
N GLU A 52 0.83 -21.99 18.10
CA GLU A 52 2.19 -22.09 18.62
C GLU A 52 3.19 -22.44 17.51
N GLU A 53 2.84 -23.40 16.65
CA GLU A 53 3.75 -23.75 15.56
C GLU A 53 3.92 -22.59 14.59
N ARG A 54 2.82 -21.91 14.26
CA ARG A 54 2.90 -20.81 13.32
C ARG A 54 3.75 -19.67 13.87
N VAL A 55 3.60 -19.36 15.16
CA VAL A 55 4.42 -18.34 15.78
C VAL A 55 5.90 -18.75 15.76
N ALA A 56 6.18 -19.99 16.12
CA ALA A 56 7.57 -20.45 16.14
C ALA A 56 8.19 -20.39 14.75
N LEU A 57 7.46 -20.83 13.74
CA LEU A 57 7.98 -20.81 12.38
C LEU A 57 8.23 -19.39 11.90
N ALA A 58 7.30 -18.48 12.19
CA ALA A 58 7.46 -17.09 11.79
C ALA A 58 8.60 -16.42 12.54
N GLN A 59 8.77 -16.76 13.83
CA GLN A 59 9.88 -16.21 14.60
C GLN A 59 11.21 -16.60 13.98
N GLN A 60 11.39 -17.90 13.67
N GLN A 60 11.38 -17.89 13.67
CA GLN A 60 12.65 -18.33 13.09
CA GLN A 60 12.63 -18.37 13.09
C GLN A 60 12.87 -17.72 11.72
C GLN A 60 12.86 -17.73 11.72
N ALA A 61 11.81 -17.63 10.91
CA ALA A 61 11.96 -17.12 9.55
C ALA A 61 12.22 -15.61 9.50
N THR A 62 11.91 -14.87 10.57
CA THR A 62 12.17 -13.43 10.62
C THR A 62 13.23 -13.06 11.64
N ALA A 63 13.98 -14.03 12.15
CA ALA A 63 14.97 -13.75 13.18
C ALA A 63 16.01 -12.75 12.71
N HIS A 64 16.32 -12.72 11.41
CA HIS A 64 17.31 -11.80 10.87
C HIS A 64 16.78 -10.38 10.75
N LEU A 65 15.49 -10.15 10.93
CA LEU A 65 14.88 -8.83 10.81
C LEU A 65 14.72 -8.26 12.22
N GLY A 66 15.56 -7.30 12.58
CA GLY A 66 15.66 -6.90 13.97
C GLY A 66 14.40 -6.23 14.51
N ASN A 67 13.70 -5.49 13.65
CA ASN A 67 12.54 -4.72 14.11
C ASN A 67 11.21 -5.43 13.85
N VAL A 68 11.23 -6.75 13.71
CA VAL A 68 10.00 -7.54 13.59
C VAL A 68 9.79 -8.27 14.90
N GLU A 69 8.57 -8.21 15.43
CA GLU A 69 8.17 -9.01 16.57
C GLU A 69 6.96 -9.85 16.14
N VAL A 70 7.04 -11.15 16.37
CA VAL A 70 5.95 -12.06 16.06
C VAL A 70 5.10 -12.27 17.30
N VAL A 71 3.80 -12.09 17.16
N VAL A 71 3.79 -12.14 17.18
CA VAL A 71 2.84 -12.33 18.23
CA VAL A 71 2.89 -12.39 18.30
C VAL A 71 1.70 -13.14 17.63
C VAL A 71 1.55 -12.89 17.78
N GLY A 72 1.01 -13.88 18.49
CA GLY A 72 -0.27 -14.45 18.16
C GLY A 72 -1.39 -13.68 18.84
N PHE A 73 -2.57 -13.67 18.22
CA PHE A 73 -3.72 -13.00 18.80
C PHE A 73 -4.97 -13.77 18.45
N SER A 74 -5.96 -13.72 19.35
CA SER A 74 -7.19 -14.47 19.16
C SER A 74 -8.41 -13.57 19.12
N ASP A 75 -8.23 -12.26 19.27
CA ASP A 75 -9.32 -11.31 19.18
C ASP A 75 -9.48 -10.78 17.76
N LEU A 76 -10.48 -9.91 17.58
CA LEU A 76 -10.60 -9.13 16.36
C LEU A 76 -9.30 -8.38 16.10
N MET A 77 -8.81 -8.44 14.87
CA MET A 77 -7.54 -7.79 14.54
C MET A 77 -7.53 -6.33 14.98
N ALA A 78 -8.59 -5.58 14.67
CA ALA A 78 -8.62 -4.16 15.03
C ALA A 78 -8.58 -3.96 16.54
N ASN A 79 -9.26 -4.82 17.32
CA ASN A 79 -9.17 -4.70 18.78
C ASN A 79 -7.74 -4.92 19.27
N PHE A 80 -7.04 -5.89 18.68
CA PHE A 80 -5.64 -6.14 19.04
C PHE A 80 -4.76 -4.96 18.62
N ALA A 81 -4.91 -4.49 17.37
CA ALA A 81 -4.14 -3.36 16.89
C ALA A 81 -4.32 -2.15 17.79
N ARG A 82 -5.55 -1.90 18.24
CA ARG A 82 -5.79 -0.74 19.09
C ARG A 82 -5.06 -0.90 20.42
N ASN A 83 -5.16 -2.07 21.05
CA ASN A 83 -4.52 -2.24 22.35
C ASN A 83 -3.00 -2.22 22.24
N GLN A 84 -2.46 -2.59 21.08
CA GLN A 84 -1.03 -2.56 20.83
C GLN A 84 -0.54 -1.22 20.29
N HIS A 85 -1.44 -0.27 20.06
CA HIS A 85 -1.09 1.08 19.61
C HIS A 85 -0.44 1.08 18.22
N ALA A 86 -0.91 0.20 17.34
CA ALA A 86 -0.46 0.23 15.96
C ALA A 86 -1.20 1.34 15.22
N THR A 87 -0.50 2.02 14.30
CA THR A 87 -1.13 3.05 13.48
C THR A 87 -1.04 2.77 11.99
N VAL A 88 -0.33 1.72 11.59
CA VAL A 88 -0.18 1.33 10.20
C VAL A 88 -0.53 -0.14 10.08
N LEU A 89 -1.37 -0.49 9.11
CA LEU A 89 -1.83 -1.84 8.88
C LEU A 89 -1.27 -2.30 7.53
N ILE A 90 -0.33 -3.25 7.56
CA ILE A 90 0.35 -3.72 6.35
C ILE A 90 -0.50 -4.79 5.67
N ARG A 91 -0.77 -4.59 4.38
CA ARG A 91 -1.43 -5.58 3.55
C ARG A 91 -0.58 -5.84 2.32
N GLY A 92 -0.54 -7.10 1.87
CA GLY A 92 0.07 -7.42 0.59
C GLY A 92 -0.93 -7.28 -0.55
N LEU A 93 -0.43 -6.79 -1.69
CA LEU A 93 -1.24 -6.62 -2.89
C LEU A 93 -0.46 -7.22 -4.05
N ARG A 94 -0.99 -8.26 -4.66
CA ARG A 94 -0.27 -8.91 -5.75
C ARG A 94 -1.24 -9.27 -6.86
N ALA A 95 -0.67 -9.82 -7.94
CA ALA A 95 -1.40 -9.96 -9.19
C ALA A 95 -2.64 -10.82 -9.02
N VAL A 96 -2.55 -11.88 -8.22
CA VAL A 96 -3.65 -12.83 -8.11
C VAL A 96 -4.56 -12.53 -6.92
N ALA A 97 -4.44 -11.35 -6.33
CA ALA A 97 -5.20 -11.00 -5.13
C ALA A 97 -6.69 -10.92 -5.43
N ASP A 98 -7.50 -11.26 -4.42
CA ASP A 98 -8.92 -10.92 -4.42
C ASP A 98 -9.00 -9.45 -4.02
N PHE A 99 -8.89 -8.59 -5.02
CA PHE A 99 -8.71 -7.17 -4.79
C PHE A 99 -9.91 -6.56 -4.08
N GLU A 100 -11.12 -6.91 -4.53
CA GLU A 100 -12.30 -6.32 -3.92
C GLU A 100 -12.47 -6.75 -2.47
N TYR A 101 -12.12 -8.00 -2.15
CA TYR A 101 -12.16 -8.41 -0.75
C TYR A 101 -11.18 -7.58 0.07
N GLU A 102 -9.99 -7.30 -0.47
CA GLU A 102 -9.05 -6.48 0.27
C GLU A 102 -9.59 -5.07 0.49
N MET A 103 -10.33 -4.54 -0.48
CA MET A 103 -10.96 -3.23 -0.30
C MET A 103 -12.06 -3.29 0.76
N GLN A 104 -12.87 -4.37 0.76
CA GLN A 104 -13.85 -4.57 1.82
C GLN A 104 -13.19 -4.52 3.18
N LEU A 105 -12.12 -5.28 3.35
CA LEU A 105 -11.48 -5.36 4.66
C LEU A 105 -10.89 -4.03 5.06
N ALA A 106 -10.31 -3.29 4.11
CA ALA A 106 -9.73 -2.01 4.47
C ALA A 106 -10.81 -1.03 4.90
N HIS A 107 -11.96 -1.02 4.22
CA HIS A 107 -13.02 -0.14 4.63
C HIS A 107 -13.60 -0.55 5.99
N MET A 108 -13.80 -1.84 6.22
CA MET A 108 -14.27 -2.28 7.52
C MET A 108 -13.30 -1.90 8.62
N ASN A 109 -12.00 -2.12 8.39
CA ASN A 109 -11.03 -1.79 9.42
C ASN A 109 -10.96 -0.29 9.67
N ARG A 110 -11.15 0.53 8.64
CA ARG A 110 -11.18 1.97 8.85
C ARG A 110 -12.40 2.37 9.68
N HIS A 111 -13.54 1.71 9.44
CA HIS A 111 -14.72 1.92 10.29
C HIS A 111 -14.42 1.57 11.74
N LEU A 112 -13.74 0.44 11.99
CA LEU A 112 -13.50 -0.04 13.35
C LEU A 112 -12.47 0.80 14.07
N MET A 113 -11.44 1.23 13.36
CA MET A 113 -10.29 1.92 13.96
C MET A 113 -9.74 2.88 12.93
N PRO A 114 -10.30 4.09 12.83
CA PRO A 114 -9.86 5.01 11.78
C PRO A 114 -8.44 5.47 11.95
N GLU A 115 -7.87 5.39 13.16
CA GLU A 115 -6.49 5.77 13.39
C GLU A 115 -5.49 4.73 12.89
N LEU A 116 -5.96 3.61 12.35
CA LEU A 116 -5.09 2.57 11.79
C LEU A 116 -5.16 2.69 10.28
N GLU A 117 -4.05 3.05 9.65
CA GLU A 117 -4.05 3.34 8.21
C GLU A 117 -3.63 2.10 7.43
N SER A 118 -4.53 1.61 6.56
CA SER A 118 -4.15 0.50 5.68
C SER A 118 -3.14 0.98 4.64
N VAL A 119 -2.09 0.19 4.46
CA VAL A 119 -1.13 0.44 3.40
C VAL A 119 -0.88 -0.88 2.69
N PHE A 120 -0.81 -0.83 1.37
CA PHE A 120 -0.60 -2.03 0.57
C PHE A 120 0.79 -2.02 -0.03
N LEU A 121 1.53 -3.11 0.16
N LEU A 121 1.51 -3.12 0.12
CA LEU A 121 2.84 -3.29 -0.43
CA LEU A 121 2.83 -3.31 -0.43
C LEU A 121 2.76 -4.44 -1.43
C LEU A 121 2.76 -4.44 -1.45
N MET A 122 3.65 -4.40 -2.44
CA MET A 122 3.62 -5.36 -3.53
C MET A 122 4.87 -6.24 -3.50
N PRO A 123 4.74 -7.56 -3.53
CA PRO A 123 5.91 -8.42 -3.46
C PRO A 123 6.65 -8.46 -4.80
N SER A 124 7.80 -9.13 -4.78
CA SER A 124 8.56 -9.30 -6.00
C SER A 124 7.77 -10.14 -7.00
N LYS A 125 8.15 -10.03 -8.28
CA LYS A 125 7.51 -10.83 -9.32
C LYS A 125 7.49 -12.31 -8.94
N GLU A 126 8.58 -12.78 -8.34
CA GLU A 126 8.71 -14.19 -8.00
C GLU A 126 7.56 -14.67 -7.12
N TRP A 127 7.02 -13.82 -6.24
CA TRP A 127 6.01 -14.23 -5.29
C TRP A 127 4.64 -13.64 -5.60
N SER A 128 4.40 -13.29 -6.86
CA SER A 128 3.19 -12.58 -7.23
C SER A 128 2.00 -13.49 -7.51
N PHE A 129 2.19 -14.81 -7.55
CA PHE A 129 1.18 -15.64 -8.19
C PHE A 129 0.63 -16.80 -7.41
N ILE A 130 1.10 -17.07 -6.20
CA ILE A 130 0.82 -18.34 -5.54
C ILE A 130 0.29 -18.08 -4.13
N SER A 131 -0.86 -18.67 -3.82
CA SER A 131 -1.44 -18.54 -2.49
C SER A 131 -0.92 -19.64 -1.57
N SER A 132 -0.94 -19.34 -0.28
N SER A 132 -0.94 -19.36 -0.27
CA SER A 132 -0.58 -20.30 0.74
CA SER A 132 -0.50 -20.37 0.68
C SER A 132 -1.50 -21.52 0.70
C SER A 132 -1.43 -21.57 0.69
N SER A 133 -2.77 -21.29 0.39
N SER A 133 -2.71 -21.35 0.37
CA SER A 133 -3.73 -22.39 0.22
CA SER A 133 -3.65 -22.47 0.27
C SER A 133 -3.24 -23.38 -0.84
C SER A 133 -3.27 -23.41 -0.85
N LEU A 134 -2.84 -22.87 -2.01
CA LEU A 134 -2.40 -23.73 -3.09
C LEU A 134 -1.10 -24.44 -2.73
N VAL A 135 -0.21 -23.76 -2.02
CA VAL A 135 1.02 -24.41 -1.56
C VAL A 135 0.69 -25.65 -0.71
N LYS A 136 -0.21 -25.50 0.26
CA LYS A 136 -0.60 -26.64 1.10
C LYS A 136 -1.29 -27.73 0.29
N GLU A 137 -2.20 -27.35 -0.62
CA GLU A 137 -2.89 -28.36 -1.42
C GLU A 137 -1.88 -29.14 -2.26
N VAL A 138 -0.94 -28.45 -2.88
CA VAL A 138 0.04 -29.12 -3.72
C VAL A 138 0.92 -30.03 -2.88
N ALA A 139 1.41 -29.53 -1.74
CA ALA A 139 2.24 -30.38 -0.89
C ALA A 139 1.49 -31.60 -0.41
N ARG A 140 0.22 -31.44 -0.01
CA ARG A 140 -0.53 -32.57 0.48
C ARG A 140 -0.75 -33.60 -0.62
N HIS A 141 -0.77 -33.17 -1.89
CA HIS A 141 -0.93 -34.07 -3.02
C HIS A 141 0.38 -34.48 -3.66
N GLN A 142 1.50 -34.35 -2.93
CA GLN A 142 2.79 -34.91 -3.32
C GLN A 142 3.51 -34.09 -4.39
N GLY A 143 3.30 -32.76 -4.40
CA GLY A 143 4.07 -31.87 -5.25
C GLY A 143 5.14 -31.10 -4.49
N ASP A 144 6.11 -30.58 -5.25
CA ASP A 144 7.30 -29.91 -4.70
C ASP A 144 7.01 -28.43 -4.50
N VAL A 145 6.96 -27.99 -3.23
CA VAL A 145 6.71 -26.59 -2.90
C VAL A 145 7.88 -25.95 -2.16
N THR A 146 9.04 -26.61 -2.12
CA THR A 146 10.18 -26.09 -1.35
C THR A 146 10.53 -24.67 -1.75
N HIS A 147 10.41 -24.36 -3.05
CA HIS A 147 10.77 -23.05 -3.59
C HIS A 147 10.02 -21.91 -2.90
N PHE A 148 8.83 -22.17 -2.39
CA PHE A 148 7.95 -21.13 -1.87
C PHE A 148 8.12 -20.91 -0.37
N LEU A 149 8.96 -21.67 0.31
CA LEU A 149 8.95 -21.70 1.76
C LEU A 149 10.34 -21.45 2.32
N PRO A 150 10.44 -20.79 3.47
CA PRO A 150 11.70 -20.80 4.22
C PRO A 150 12.06 -22.22 4.61
N GLU A 151 13.36 -22.47 4.77
CA GLU A 151 13.80 -23.85 5.02
C GLU A 151 13.17 -24.43 6.28
N ASN A 152 13.03 -23.63 7.35
CA ASN A 152 12.42 -24.16 8.56
C ASN A 152 10.96 -24.56 8.32
N VAL A 153 10.25 -23.81 7.47
CA VAL A 153 8.87 -24.14 7.18
C VAL A 153 8.79 -25.37 6.30
N HIS A 154 9.71 -25.49 5.34
CA HIS A 154 9.82 -26.70 4.54
C HIS A 154 9.95 -27.93 5.42
N GLN A 155 10.85 -27.89 6.40
CA GLN A 155 11.05 -29.03 7.29
C GLN A 155 9.78 -29.32 8.09
N ALA A 156 9.12 -28.28 8.59
CA ALA A 156 7.93 -28.49 9.41
C ALA A 156 6.77 -29.05 8.59
N LEU A 157 6.63 -28.59 7.35
CA LEU A 157 5.56 -29.07 6.49
C LEU A 157 5.78 -30.54 6.11
N MET A 158 7.02 -30.90 5.77
CA MET A 158 7.31 -32.30 5.51
C MET A 158 6.92 -33.18 6.68
N ALA A 159 7.25 -32.75 7.91
CA ALA A 159 6.93 -33.56 9.07
C ALA A 159 5.43 -33.59 9.32
N LYS A 160 4.75 -32.45 9.14
CA LYS A 160 3.31 -32.42 9.35
C LYS A 160 2.59 -33.37 8.40
N LEU A 161 2.99 -33.37 7.12
CA LEU A 161 2.33 -34.23 6.15
C LEU A 161 2.70 -35.69 6.36
N ALA A 162 3.93 -35.96 6.85
CA ALA A 162 4.36 -37.33 7.03
C ALA A 162 3.55 -38.04 8.10
N VAL A 163 3.24 -37.33 9.18
CA VAL A 163 2.50 -37.93 10.28
C VAL A 163 0.98 -37.82 10.09
N ASP A 164 0.53 -36.85 9.30
CA ASP A 164 -0.90 -36.61 9.09
C ASP A 164 -1.61 -37.84 8.54
N GLN B 5 14.78 11.16 8.61
CA GLN B 5 13.58 11.71 7.98
C GLN B 5 13.14 10.85 6.79
N LYS B 6 11.98 10.22 6.91
N LYS B 6 11.98 10.22 6.91
CA LYS B 6 11.44 9.41 5.83
CA LYS B 6 11.43 9.41 5.83
C LYS B 6 10.79 10.32 4.80
C LYS B 6 10.78 10.31 4.81
N ARG B 7 11.22 10.22 3.55
CA ARG B 7 10.78 11.11 2.48
C ARG B 7 9.99 10.32 1.45
N ALA B 8 8.76 10.74 1.20
CA ALA B 8 7.87 10.09 0.27
C ALA B 8 7.59 11.01 -0.91
N ILE B 9 7.40 10.42 -2.08
CA ILE B 9 7.01 11.17 -3.27
C ILE B 9 5.64 10.69 -3.74
N TYR B 10 4.75 11.63 -4.08
CA TYR B 10 3.39 11.34 -4.55
C TYR B 10 3.30 11.96 -5.94
N PRO B 11 3.62 11.21 -6.99
CA PRO B 11 3.70 11.82 -8.32
C PRO B 11 2.45 11.56 -9.15
N GLY B 12 2.22 12.42 -10.13
CA GLY B 12 1.11 12.26 -11.04
C GLY B 12 1.00 13.47 -11.93
N THR B 13 -0.04 13.44 -12.76
CA THR B 13 -0.28 14.55 -13.68
C THR B 13 -1.05 15.69 -13.04
N PHE B 14 -1.90 15.39 -12.05
CA PHE B 14 -2.62 16.40 -11.27
C PHE B 14 -3.20 17.50 -12.17
N ASP B 15 -4.06 17.08 -13.09
CA ASP B 15 -4.58 17.97 -14.14
C ASP B 15 -6.11 18.04 -14.13
N PRO B 16 -6.69 18.71 -13.13
CA PRO B 16 -6.05 19.37 -11.99
C PRO B 16 -6.13 18.51 -10.74
N ILE B 17 -5.47 18.97 -9.67
CA ILE B 17 -5.59 18.30 -8.39
C ILE B 17 -7.04 18.33 -7.92
N THR B 18 -7.51 17.21 -7.39
CA THR B 18 -8.88 17.10 -6.91
C THR B 18 -8.88 16.83 -5.40
N ASN B 19 -10.10 16.80 -4.84
CA ASN B 19 -10.25 16.46 -3.43
C ASN B 19 -9.81 15.04 -3.12
N GLY B 20 -9.85 14.14 -4.12
CA GLY B 20 -9.31 12.81 -3.91
C GLY B 20 -7.81 12.84 -3.70
N HIS B 21 -7.11 13.64 -4.50
CA HIS B 21 -5.66 13.78 -4.34
C HIS B 21 -5.32 14.42 -3.00
N ILE B 22 -6.11 15.41 -2.57
CA ILE B 22 -5.87 16.02 -1.26
C ILE B 22 -6.01 14.99 -0.16
N ASP B 23 -7.03 14.14 -0.26
CA ASP B 23 -7.22 13.07 0.72
C ASP B 23 -6.00 12.16 0.78
N ILE B 24 -5.50 11.71 -0.38
CA ILE B 24 -4.37 10.79 -0.39
C ILE B 24 -3.12 11.46 0.19
N VAL B 25 -2.81 12.68 -0.24
CA VAL B 25 -1.58 13.31 0.25
C VAL B 25 -1.69 13.58 1.74
N THR B 26 -2.90 13.86 2.23
CA THR B 26 -3.08 14.08 3.67
C THR B 26 -2.81 12.79 4.44
N ARG B 27 -3.35 11.66 3.96
CA ARG B 27 -3.04 10.39 4.58
C ARG B 27 -1.55 10.11 4.55
N ALA B 28 -0.88 10.45 3.44
CA ALA B 28 0.55 10.21 3.35
C ALA B 28 1.31 11.00 4.41
N THR B 29 0.92 12.26 4.68
CA THR B 29 1.63 13.06 5.67
C THR B 29 1.44 12.56 7.09
N GLN B 30 0.37 11.82 7.37
CA GLN B 30 0.21 11.26 8.70
C GLN B 30 1.18 10.11 8.94
N MET B 31 1.75 9.56 7.88
CA MET B 31 2.61 8.40 7.93
CA MET B 31 2.63 8.42 8.00
C MET B 31 4.08 8.74 7.75
N PHE B 32 4.38 9.72 6.90
CA PHE B 32 5.73 10.01 6.50
C PHE B 32 6.09 11.45 6.81
N ASP B 33 7.36 11.67 7.19
CA ASP B 33 7.80 12.96 7.70
C ASP B 33 7.68 14.06 6.65
N HIS B 34 8.05 13.76 5.40
CA HIS B 34 8.02 14.75 4.34
C HIS B 34 7.43 14.10 3.09
N VAL B 35 6.48 14.78 2.46
CA VAL B 35 5.84 14.27 1.26
C VAL B 35 6.01 15.28 0.14
N ILE B 36 6.58 14.83 -0.97
CA ILE B 36 6.76 15.66 -2.15
C ILE B 36 5.61 15.32 -3.10
N LEU B 37 4.73 16.28 -3.34
CA LEU B 37 3.68 16.14 -4.35
C LEU B 37 4.29 16.61 -5.66
N ALA B 38 4.54 15.65 -6.56
CA ALA B 38 5.41 15.86 -7.71
C ALA B 38 4.56 15.79 -8.98
N ILE B 39 4.50 16.89 -9.72
CA ILE B 39 3.62 17.00 -10.87
C ILE B 39 4.43 16.79 -12.14
N ALA B 40 4.10 15.75 -12.89
CA ALA B 40 4.78 15.45 -14.15
C ALA B 40 4.23 16.32 -15.25
N ALA B 41 5.12 16.86 -16.08
CA ALA B 41 4.69 17.69 -17.20
C ALA B 41 3.68 16.95 -18.08
N SER B 42 3.95 15.69 -18.39
CA SER B 42 3.05 14.78 -19.09
C SER B 42 2.57 15.32 -20.44
N PRO B 43 3.47 15.78 -21.33
CA PRO B 43 2.99 16.34 -22.61
C PRO B 43 2.21 15.35 -23.46
N SER B 44 2.47 14.05 -23.35
CA SER B 44 1.76 13.09 -24.16
C SER B 44 0.28 13.00 -23.81
N LYS B 45 -0.10 13.49 -22.63
CA LYS B 45 -1.50 13.53 -22.22
C LYS B 45 -2.21 14.80 -22.67
N LYS B 46 -1.47 15.76 -23.25
CA LYS B 46 -2.01 17.06 -23.65
C LYS B 46 -2.85 17.64 -22.53
N PRO B 47 -2.25 18.00 -21.41
CA PRO B 47 -3.04 18.38 -20.22
C PRO B 47 -3.79 19.67 -20.43
N MET B 48 -4.91 19.79 -19.70
CA MET B 48 -5.73 20.99 -19.76
C MET B 48 -4.96 22.20 -19.24
N PHE B 49 -4.23 22.03 -18.15
CA PHE B 49 -3.48 23.11 -17.51
C PHE B 49 -1.99 22.92 -17.76
N THR B 50 -1.29 24.04 -17.92
CA THR B 50 0.16 23.96 -18.03
C THR B 50 0.75 23.45 -16.72
N LEU B 51 2.02 23.03 -16.77
CA LEU B 51 2.70 22.57 -15.57
C LEU B 51 2.76 23.67 -14.51
N GLU B 52 3.14 24.89 -14.90
CA GLU B 52 3.19 25.98 -13.94
C GLU B 52 1.83 26.22 -13.29
N GLU B 53 0.75 26.13 -14.08
CA GLU B 53 -0.60 26.27 -13.53
C GLU B 53 -0.90 25.15 -12.54
N ARG B 54 -0.59 23.90 -12.93
CA ARG B 54 -0.88 22.77 -12.05
C ARG B 54 -0.10 22.85 -10.75
N VAL B 55 1.18 23.26 -10.83
CA VAL B 55 1.97 23.44 -9.61
C VAL B 55 1.36 24.54 -8.74
N ALA B 56 0.99 25.67 -9.36
CA ALA B 56 0.41 26.76 -8.57
C ALA B 56 -0.89 26.32 -7.90
N LEU B 57 -1.74 25.60 -8.62
CA LEU B 57 -2.99 25.15 -8.04
C LEU B 57 -2.75 24.20 -6.88
N ALA B 58 -1.81 23.27 -7.04
CA ALA B 58 -1.55 22.30 -5.98
C ALA B 58 -0.88 22.96 -4.78
N GLN B 59 -0.01 23.94 -5.02
CA GLN B 59 0.58 24.70 -3.92
C GLN B 59 -0.51 25.34 -3.05
N GLN B 60 -1.44 26.08 -3.67
CA GLN B 60 -2.51 26.71 -2.89
C GLN B 60 -3.36 25.67 -2.17
N ALA B 61 -3.69 24.58 -2.86
CA ALA B 61 -4.61 23.59 -2.28
C ALA B 61 -3.99 22.84 -1.12
N THR B 62 -2.66 22.81 -1.02
CA THR B 62 -1.96 22.11 0.04
C THR B 62 -1.23 23.06 0.98
N ALA B 63 -1.52 24.36 0.88
CA ALA B 63 -0.75 25.37 1.61
C ALA B 63 -0.77 25.13 3.11
N HIS B 64 -1.84 24.54 3.63
CA HIS B 64 -1.98 24.32 5.07
C HIS B 64 -1.50 22.95 5.52
N LEU B 65 -0.92 22.16 4.62
CA LEU B 65 -0.28 20.89 4.98
C LEU B 65 1.22 21.17 5.02
N GLY B 66 1.74 21.37 6.24
CA GLY B 66 3.10 21.87 6.40
C GLY B 66 4.19 20.93 5.91
N ASN B 67 3.90 19.63 5.83
CA ASN B 67 4.89 18.65 5.45
C ASN B 67 4.76 18.23 3.98
N VAL B 68 3.99 18.97 3.19
CA VAL B 68 3.86 18.72 1.75
C VAL B 68 4.63 19.79 1.00
N GLU B 69 5.44 19.36 0.05
CA GLU B 69 6.17 20.24 -0.86
C GLU B 69 5.74 19.91 -2.28
N VAL B 70 5.25 20.90 -3.00
CA VAL B 70 4.79 20.71 -4.38
C VAL B 70 5.91 21.11 -5.34
N VAL B 71 6.24 20.23 -6.26
N VAL B 71 6.25 20.21 -6.26
CA VAL B 71 7.22 20.56 -7.28
CA VAL B 71 7.36 20.40 -7.22
C VAL B 71 6.70 20.03 -8.60
C VAL B 71 6.98 19.81 -8.58
N GLY B 72 7.32 20.52 -9.67
CA GLY B 72 7.08 20.02 -11.01
C GLY B 72 8.32 19.32 -11.55
N PHE B 73 8.13 18.40 -12.48
CA PHE B 73 9.25 17.72 -13.10
C PHE B 73 8.88 17.23 -14.49
N SER B 74 9.89 17.14 -15.36
CA SER B 74 9.67 16.66 -16.72
C SER B 74 10.55 15.46 -17.07
N ASP B 75 11.32 14.96 -16.12
CA ASP B 75 12.21 13.85 -16.42
C ASP B 75 11.58 12.53 -15.97
N LEU B 76 12.38 11.45 -15.97
CA LEU B 76 11.88 10.16 -15.53
C LEU B 76 11.53 10.25 -14.05
N MET B 77 10.33 9.81 -13.69
CA MET B 77 9.90 9.96 -12.31
C MET B 77 10.90 9.29 -11.35
N ALA B 78 11.39 8.09 -11.69
CA ALA B 78 12.30 7.39 -10.80
C ALA B 78 13.58 8.18 -10.59
N ASN B 79 14.10 8.84 -11.64
CA ASN B 79 15.29 9.66 -11.42
C ASN B 79 14.97 10.87 -10.56
N PHE B 80 13.82 11.51 -10.81
CA PHE B 80 13.43 12.63 -9.96
C PHE B 80 13.30 12.20 -8.50
N ALA B 81 12.72 11.01 -8.26
CA ALA B 81 12.57 10.52 -6.90
C ALA B 81 13.93 10.31 -6.25
N ARG B 82 14.86 9.67 -6.96
CA ARG B 82 16.21 9.50 -6.42
C ARG B 82 16.84 10.85 -6.11
N ASN B 83 16.65 11.82 -7.01
CA ASN B 83 17.28 13.12 -6.85
C ASN B 83 16.66 13.93 -5.71
N GLN B 84 15.44 13.58 -5.31
CA GLN B 84 14.78 14.17 -4.15
C GLN B 84 15.02 13.36 -2.88
N HIS B 85 15.79 12.28 -2.96
CA HIS B 85 16.09 11.42 -1.81
C HIS B 85 14.82 10.78 -1.25
N ALA B 86 13.87 10.48 -2.12
CA ALA B 86 12.66 9.79 -1.70
C ALA B 86 12.90 8.30 -1.68
N THR B 87 12.32 7.61 -0.70
CA THR B 87 12.39 6.16 -0.62
C THR B 87 11.02 5.51 -0.56
N VAL B 88 9.95 6.29 -0.58
CA VAL B 88 8.58 5.81 -0.57
C VAL B 88 7.86 6.47 -1.73
N LEU B 89 7.11 5.68 -2.49
CA LEU B 89 6.36 6.14 -3.65
C LEU B 89 4.88 5.96 -3.36
N ILE B 90 4.15 7.05 -3.16
CA ILE B 90 2.74 7.00 -2.79
C ILE B 90 1.88 6.81 -4.04
N ARG B 91 1.00 5.82 -4.02
CA ARG B 91 0.01 5.58 -5.05
C ARG B 91 -1.38 5.49 -4.42
N GLY B 92 -2.38 6.07 -5.07
CA GLY B 92 -3.75 5.87 -4.63
C GLY B 92 -4.32 4.53 -5.08
N LEU B 93 -5.25 3.98 -4.29
CA LEU B 93 -5.84 2.67 -4.58
C LEU B 93 -7.26 2.61 -4.03
N ARG B 94 -8.19 2.11 -4.84
CA ARG B 94 -9.58 2.03 -4.42
C ARG B 94 -10.27 0.90 -5.19
N ALA B 95 -11.50 0.61 -4.78
CA ALA B 95 -12.23 -0.53 -5.34
C ALA B 95 -12.42 -0.41 -6.84
N VAL B 96 -12.55 0.82 -7.35
CA VAL B 96 -12.73 1.02 -8.79
C VAL B 96 -11.41 1.02 -9.56
N ALA B 97 -10.29 0.79 -8.90
CA ALA B 97 -8.99 0.95 -9.55
C ALA B 97 -8.68 -0.20 -10.50
N ASP B 98 -8.01 0.14 -11.60
CA ASP B 98 -7.36 -0.84 -12.46
C ASP B 98 -6.07 -1.23 -11.76
N PHE B 99 -6.21 -2.13 -10.78
CA PHE B 99 -5.07 -2.42 -9.91
C PHE B 99 -3.99 -3.19 -10.64
N GLU B 100 -4.34 -3.94 -11.69
CA GLU B 100 -3.30 -4.65 -12.45
C GLU B 100 -2.38 -3.67 -13.19
N TYR B 101 -2.93 -2.58 -13.73
CA TYR B 101 -2.07 -1.56 -14.32
C TYR B 101 -1.18 -0.90 -13.28
N GLU B 102 -1.74 -0.63 -12.09
CA GLU B 102 -0.92 -0.12 -11.01
C GLU B 102 0.21 -1.08 -10.67
N MET B 103 -0.04 -2.40 -10.78
CA MET B 103 1.02 -3.38 -10.56
C MET B 103 2.10 -3.29 -11.65
N GLN B 104 1.68 -3.12 -12.91
CA GLN B 104 2.66 -2.99 -13.98
C GLN B 104 3.54 -1.77 -13.76
N LEU B 105 2.93 -0.64 -13.42
CA LEU B 105 3.69 0.58 -13.18
C LEU B 105 4.64 0.40 -12.00
N ALA B 106 4.16 -0.22 -10.92
CA ALA B 106 5.02 -0.41 -9.75
C ALA B 106 6.21 -1.32 -10.08
N HIS B 107 6.01 -2.33 -10.91
CA HIS B 107 7.14 -3.19 -11.28
C HIS B 107 8.13 -2.46 -12.18
N MET B 108 7.65 -1.62 -13.10
CA MET B 108 8.58 -0.83 -13.89
C MET B 108 9.33 0.14 -13.00
N ASN B 109 8.63 0.83 -12.10
CA ASN B 109 9.29 1.76 -11.18
C ASN B 109 10.35 1.05 -10.35
N ARG B 110 10.05 -0.18 -9.93
CA ARG B 110 11.01 -0.93 -9.11
C ARG B 110 12.22 -1.34 -9.93
N HIS B 111 12.02 -1.69 -11.20
CA HIS B 111 13.16 -1.97 -12.06
C HIS B 111 14.08 -0.76 -12.18
N LEU B 112 13.50 0.44 -12.26
CA LEU B 112 14.30 1.64 -12.45
C LEU B 112 14.95 2.13 -11.16
N MET B 113 14.30 1.91 -10.01
CA MET B 113 14.84 2.35 -8.73
C MET B 113 14.31 1.40 -7.67
N PRO B 114 15.01 0.29 -7.42
CA PRO B 114 14.49 -0.70 -6.47
C PRO B 114 14.37 -0.19 -5.04
N GLU B 115 15.14 0.85 -4.69
CA GLU B 115 15.11 1.45 -3.36
C GLU B 115 13.87 2.30 -3.11
N LEU B 116 13.07 2.56 -4.14
CA LEU B 116 11.87 3.37 -4.02
C LEU B 116 10.69 2.43 -3.88
N GLU B 117 10.12 2.36 -2.68
CA GLU B 117 9.11 1.36 -2.39
C GLU B 117 7.72 1.93 -2.65
N SER B 118 6.99 1.30 -3.58
CA SER B 118 5.61 1.69 -3.80
C SER B 118 4.74 1.34 -2.61
N VAL B 119 3.94 2.30 -2.17
N VAL B 119 3.86 2.27 -2.23
CA VAL B 119 2.88 2.03 -1.21
CA VAL B 119 2.92 2.07 -1.12
C VAL B 119 1.59 2.50 -1.81
C VAL B 119 1.56 2.62 -1.55
N PHE B 120 0.53 1.77 -1.50
CA PHE B 120 -0.81 2.12 -1.97
C PHE B 120 -1.67 2.51 -0.78
N LEU B 121 -2.29 3.67 -0.87
CA LEU B 121 -3.19 4.19 0.15
C LEU B 121 -4.59 4.27 -0.43
N MET B 122 -5.59 4.13 0.44
CA MET B 122 -7.00 4.09 0.03
C MET B 122 -7.71 5.37 0.45
N PRO B 123 -8.36 6.07 -0.48
CA PRO B 123 -9.03 7.32 -0.13
C PRO B 123 -10.33 7.06 0.63
N SER B 124 -10.88 8.14 1.17
N SER B 124 -10.88 8.14 1.16
CA SER B 124 -12.18 8.05 1.83
CA SER B 124 -12.18 8.08 1.84
C SER B 124 -13.24 7.57 0.85
C SER B 124 -13.27 7.65 0.87
N LYS B 125 -14.32 7.02 1.41
CA LYS B 125 -15.45 6.61 0.58
C LYS B 125 -15.98 7.77 -0.24
N GLU B 126 -15.94 8.99 0.32
CA GLU B 126 -16.46 10.16 -0.39
C GLU B 126 -15.78 10.34 -1.73
N TRP B 127 -14.50 10.00 -1.83
CA TRP B 127 -13.71 10.19 -3.04
C TRP B 127 -13.39 8.87 -3.72
N SER B 128 -14.16 7.82 -3.45
N SER B 128 -14.19 7.83 -3.45
CA SER B 128 -13.79 6.53 -4.04
CA SER B 128 -13.94 6.49 -3.96
C SER B 128 -14.09 6.45 -5.53
C SER B 128 -14.37 6.29 -5.41
N PHE B 129 -14.97 7.30 -6.04
CA PHE B 129 -15.41 7.19 -7.42
C PHE B 129 -14.97 8.36 -8.32
N ILE B 130 -14.41 9.43 -7.76
CA ILE B 130 -14.05 10.64 -8.51
C ILE B 130 -12.81 10.39 -9.37
N SER B 131 -12.66 11.16 -10.45
CA SER B 131 -11.39 11.23 -11.19
C SER B 131 -11.24 12.60 -11.83
N SER B 132 -9.99 12.98 -12.13
CA SER B 132 -9.75 14.22 -12.87
C SER B 132 -10.52 14.22 -14.19
N SER B 133 -10.55 13.08 -14.89
CA SER B 133 -11.15 13.01 -16.21
C SER B 133 -12.65 13.23 -16.14
N LEU B 134 -13.32 12.62 -15.18
CA LEU B 134 -14.76 12.76 -15.06
C LEU B 134 -15.14 14.17 -14.65
N VAL B 135 -14.37 14.76 -13.75
CA VAL B 135 -14.61 16.16 -13.38
C VAL B 135 -14.55 17.05 -14.61
N LYS B 136 -13.53 16.86 -15.45
CA LYS B 136 -13.37 17.70 -16.63
C LYS B 136 -14.51 17.51 -17.61
N GLU B 137 -14.98 16.27 -17.79
CA GLU B 137 -16.09 16.04 -18.71
C GLU B 137 -17.36 16.74 -18.25
N VAL B 138 -17.67 16.67 -16.96
CA VAL B 138 -18.84 17.36 -16.45
C VAL B 138 -18.67 18.88 -16.58
N ALA B 139 -17.49 19.38 -16.23
CA ALA B 139 -17.26 20.83 -16.32
C ALA B 139 -17.37 21.34 -17.76
N ARG B 140 -16.95 20.54 -18.75
CA ARG B 140 -17.10 20.95 -20.14
C ARG B 140 -18.55 21.16 -20.52
N HIS B 141 -19.48 20.58 -19.76
CA HIS B 141 -20.90 20.81 -19.97
C HIS B 141 -21.51 21.70 -18.89
N GLN B 142 -20.68 22.48 -18.22
CA GLN B 142 -21.10 23.45 -17.22
C GLN B 142 -21.74 22.80 -16.01
N GLY B 143 -21.54 21.49 -15.82
CA GLY B 143 -22.07 20.84 -14.65
C GLY B 143 -21.32 21.25 -13.40
N ASP B 144 -22.01 21.18 -12.26
CA ASP B 144 -21.48 21.70 -10.99
C ASP B 144 -20.57 20.66 -10.37
N VAL B 145 -19.26 20.93 -10.36
CA VAL B 145 -18.26 20.04 -9.80
C VAL B 145 -17.60 20.65 -8.56
N THR B 146 -18.19 21.69 -7.98
CA THR B 146 -17.54 22.36 -6.85
C THR B 146 -17.30 21.41 -5.68
N HIS B 147 -18.15 20.38 -5.54
CA HIS B 147 -18.02 19.42 -4.45
C HIS B 147 -16.70 18.68 -4.51
N PHE B 148 -16.12 18.53 -5.70
CA PHE B 148 -15.01 17.63 -5.93
C PHE B 148 -13.65 18.30 -5.92
N LEU B 149 -13.60 19.62 -5.82
CA LEU B 149 -12.37 20.35 -6.10
C LEU B 149 -12.09 21.37 -5.01
N PRO B 150 -10.83 21.61 -4.71
CA PRO B 150 -10.48 22.79 -3.92
C PRO B 150 -11.01 24.05 -4.62
N GLU B 151 -11.39 25.03 -3.81
CA GLU B 151 -12.01 26.25 -4.36
C GLU B 151 -11.13 26.90 -5.43
N ASN B 152 -9.83 27.01 -5.17
CA ASN B 152 -8.94 27.63 -6.14
C ASN B 152 -8.93 26.85 -7.46
N VAL B 153 -9.06 25.53 -7.38
CA VAL B 153 -9.09 24.72 -8.60
C VAL B 153 -10.39 24.93 -9.36
N HIS B 154 -11.51 25.03 -8.64
CA HIS B 154 -12.79 25.29 -9.30
C HIS B 154 -12.73 26.59 -10.10
N GLN B 155 -12.18 27.64 -9.51
CA GLN B 155 -12.08 28.92 -10.24
C GLN B 155 -11.26 28.76 -11.51
N ALA B 156 -10.11 28.10 -11.41
CA ALA B 156 -9.23 27.96 -12.57
C ALA B 156 -9.89 27.14 -13.67
N LEU B 157 -10.64 26.10 -13.29
CA LEU B 157 -11.36 25.32 -14.27
C LEU B 157 -12.41 26.18 -14.99
N MET B 158 -13.13 27.00 -14.23
N MET B 158 -13.10 27.03 -14.24
CA MET B 158 -14.08 27.93 -14.84
CA MET B 158 -14.10 27.91 -14.86
C MET B 158 -13.41 28.78 -15.91
C MET B 158 -13.45 28.89 -15.85
N ALA B 159 -12.22 29.32 -15.59
CA ALA B 159 -11.56 30.26 -16.50
C ALA B 159 -11.02 29.57 -17.74
N LYS B 160 -10.42 28.39 -17.59
CA LYS B 160 -9.93 27.66 -18.75
C LYS B 160 -11.07 27.35 -19.72
N LEU B 161 -12.25 27.05 -19.18
CA LEU B 161 -13.42 26.80 -19.99
C LEU B 161 -14.17 28.11 -20.23
#